data_9NH9
#
_entry.id   9NH9
#
_cell.length_a   112.520
_cell.length_b   112.520
_cell.length_c   67.315
_cell.angle_alpha   90.000
_cell.angle_beta   90.000
_cell.angle_gamma   120.000
#
_symmetry.space_group_name_H-M   'P 32 2 1'
#
loop_
_entity.id
_entity.type
_entity.pdbx_description
1 polymer HrmI
2 non-polymer 'FE (III) ION'
3 non-polymer N~6~-hydroxy-L-lysine
4 non-polymer GLYCEROL
5 water water
#
_entity_poly.entity_id   1
_entity_poly.type   'polypeptide(L)'
_entity_poly.pdbx_seq_one_letter_code
;MIPESFKIDRSVVEEFLALDPDAWERLNADYTARRRIGEACRALSRHAFVEEDPSALEELHDVLALIYQQDFSGAPVELL
GCETQPVLRDIAAILEGAVLAAELDSISEEQISAYPRSGKEYVHWLKRVIGEHPAAGHPFYRDFVPTRATEGDFRFYLAQ
ETNLDPKFDDILAFMQIGAAPDEKMEIAGNYWDEMGNGKPAEVHTAMFAHALDALDVNDDYIRRNLLPEAKASGNLASCL
AISRRHYYKSVGFFGVTEYLVPRRFKLVVDRWADIGLPREGIAYHDAHISIDAVHASGWFKNVIAPAVDRDPRVGREIAV
GALIRLNSSQRYLDSLLMHLHHDSAAHTSENLYFQSHHHHHH
;
_entity_poly.pdbx_strand_id   A
#
loop_
_chem_comp.id
_chem_comp.type
_chem_comp.name
_chem_comp.formula
FE non-polymer 'FE (III) ION' 'Fe 3'
GOL non-polymer GLYCEROL 'C3 H8 O3'
#
# COMPACT_ATOMS: atom_id res chain seq x y z
N PHE A 6 13.28 19.94 -19.77
CA PHE A 6 13.41 19.64 -18.34
C PHE A 6 12.83 18.26 -18.06
N LYS A 7 13.62 17.39 -17.43
CA LYS A 7 13.18 16.05 -17.07
C LYS A 7 13.07 15.94 -15.57
N ILE A 8 12.10 15.17 -15.08
CA ILE A 8 11.96 14.98 -13.64
C ILE A 8 12.21 13.52 -13.31
N ASP A 9 12.96 13.30 -12.24
CA ASP A 9 13.23 11.98 -11.72
C ASP A 9 13.40 12.11 -10.21
N ARG A 10 13.78 11.01 -9.57
CA ARG A 10 13.87 11.03 -8.12
C ARG A 10 14.95 12.02 -7.65
N SER A 11 16.09 12.07 -8.36
CA SER A 11 17.17 12.97 -7.95
C SER A 11 16.78 14.44 -8.09
N VAL A 12 15.94 14.79 -9.05
CA VAL A 12 15.45 16.17 -9.13
C VAL A 12 14.62 16.51 -7.90
N VAL A 13 13.82 15.56 -7.41
CA VAL A 13 12.99 15.86 -6.25
C VAL A 13 13.82 15.84 -4.97
N GLU A 14 14.85 15.00 -4.89
CA GLU A 14 15.81 15.09 -3.78
C GLU A 14 16.40 16.49 -3.70
N GLU A 15 16.70 17.07 -4.86
CA GLU A 15 17.28 18.41 -4.90
C GLU A 15 16.29 19.44 -4.39
N PHE A 16 15.03 19.34 -4.80
CA PHE A 16 13.98 20.21 -4.25
C PHE A 16 13.97 20.13 -2.73
N LEU A 17 13.97 18.90 -2.19
CA LEU A 17 13.91 18.69 -0.76
C LEU A 17 15.16 19.16 -0.03
N ALA A 18 16.24 19.43 -0.75
CA ALA A 18 17.43 20.03 -0.15
C ALA A 18 17.38 21.55 -0.14
N LEU A 19 16.39 22.18 -0.79
CA LEU A 19 16.32 23.63 -0.80
C LEU A 19 15.94 24.20 0.57
N ASP A 20 16.44 25.42 0.86
CA ASP A 20 16.11 26.07 2.13
C ASP A 20 14.75 26.75 2.06
N PRO A 21 14.20 27.24 3.18
CA PRO A 21 12.84 27.79 3.14
C PRO A 21 12.69 28.95 2.17
N ASP A 22 13.72 29.78 2.02
CA ASP A 22 13.61 30.93 1.12
C ASP A 22 13.57 30.47 -0.33
N ALA A 23 14.35 29.44 -0.67
CA ALA A 23 14.36 28.93 -2.02
C ALA A 23 13.02 28.26 -2.38
N TRP A 24 12.39 27.60 -1.41
CA TRP A 24 11.06 27.04 -1.63
C TRP A 24 10.04 28.15 -1.87
N GLU A 25 10.09 29.21 -1.07
CA GLU A 25 9.19 30.34 -1.29
C GLU A 25 9.35 30.91 -2.69
N ARG A 26 10.59 31.03 -3.16
CA ARG A 26 10.82 31.56 -4.50
C ARG A 26 10.28 30.62 -5.58
N LEU A 27 10.48 29.32 -5.40
CA LEU A 27 9.93 28.33 -6.33
C LEU A 27 8.40 28.41 -6.34
N ASN A 28 7.78 28.44 -5.16
CA ASN A 28 6.32 28.44 -5.09
C ASN A 28 5.71 29.68 -5.76
N ALA A 29 6.44 30.80 -5.74
CA ALA A 29 5.96 32.04 -6.36
C ALA A 29 6.12 32.05 -7.87
N ASP A 30 6.88 31.10 -8.45
CA ASP A 30 7.23 31.09 -9.88
C ASP A 30 6.37 30.05 -10.62
N TYR A 31 5.24 30.51 -11.16
CA TYR A 31 4.36 29.56 -11.82
C TYR A 31 4.87 29.12 -13.19
N THR A 32 5.89 29.78 -13.74
CA THR A 32 6.54 29.26 -14.94
C THR A 32 7.40 28.05 -14.59
N ALA A 33 8.19 28.14 -13.51
CA ALA A 33 8.93 26.97 -13.08
C ALA A 33 7.99 25.83 -12.70
N ARG A 34 6.85 26.18 -12.10
CA ARG A 34 5.91 25.16 -11.68
C ARG A 34 5.18 24.55 -12.88
N ARG A 35 4.91 25.35 -13.92
CA ARG A 35 4.35 24.77 -15.14
C ARG A 35 5.31 23.77 -15.76
N ARG A 36 6.61 24.10 -15.77
CA ARG A 36 7.61 23.19 -16.33
C ARG A 36 7.73 21.91 -15.52
N ILE A 37 7.64 21.99 -14.20
CA ILE A 37 7.68 20.76 -13.40
C ILE A 37 6.48 19.89 -13.74
N GLY A 38 5.29 20.50 -13.83
CA GLY A 38 4.10 19.71 -14.15
C GLY A 38 4.18 19.08 -15.53
N GLU A 39 4.73 19.80 -16.50
CA GLU A 39 4.87 19.26 -17.84
C GLU A 39 5.84 18.08 -17.84
N ALA A 40 6.92 18.20 -17.06
CA ALA A 40 7.86 17.09 -16.93
C ALA A 40 7.20 15.87 -16.29
N CYS A 41 6.24 16.08 -15.38
CA CYS A 41 5.54 14.96 -14.77
C CYS A 41 4.62 14.28 -15.79
N ARG A 42 3.94 15.06 -16.62
CA ARG A 42 3.10 14.48 -17.66
C ARG A 42 3.95 13.68 -18.66
N ALA A 43 5.13 14.18 -18.99
CA ALA A 43 6.02 13.45 -19.90
C ALA A 43 6.47 12.15 -19.27
N LEU A 44 6.89 12.19 -18.01
CA LEU A 44 7.26 10.95 -17.33
C LEU A 44 6.08 9.99 -17.26
N SER A 45 4.89 10.51 -16.94
CA SER A 45 3.70 9.65 -16.88
CA SER A 45 3.71 9.65 -16.88
C SER A 45 3.45 8.97 -18.23
N ARG A 46 3.65 9.70 -19.33
CA ARG A 46 3.43 9.11 -20.65
C ARG A 46 4.44 8.01 -20.96
N HIS A 47 5.72 8.24 -20.68
CA HIS A 47 6.71 7.18 -20.84
C HIS A 47 6.36 5.95 -20.02
N ALA A 48 5.83 6.16 -18.81
CA ALA A 48 5.61 5.05 -17.88
C ALA A 48 4.40 4.22 -18.28
N PHE A 49 3.33 4.87 -18.73
CA PHE A 49 2.07 4.16 -18.88
C PHE A 49 1.54 4.11 -20.31
N VAL A 50 1.97 5.00 -21.21
CA VAL A 50 1.65 4.88 -22.63
C VAL A 50 2.70 4.03 -23.34
N GLU A 51 3.95 4.50 -23.32
CA GLU A 51 5.03 3.69 -23.86
C GLU A 51 5.29 2.45 -23.01
N GLU A 52 4.89 2.48 -21.74
CA GLU A 52 5.16 1.40 -20.79
C GLU A 52 6.66 1.10 -20.74
N ASP A 53 7.47 2.14 -20.74
CA ASP A 53 8.90 1.95 -20.56
C ASP A 53 9.19 1.54 -19.11
N PRO A 54 9.86 0.42 -18.88
CA PRO A 54 10.00 -0.05 -17.49
C PRO A 54 10.86 0.85 -16.61
N SER A 55 11.86 1.53 -17.18
CA SER A 55 12.66 2.40 -16.33
C SER A 55 11.92 3.68 -15.95
N ALA A 56 11.10 4.20 -16.86
CA ALA A 56 10.24 5.34 -16.52
C ALA A 56 9.18 4.96 -15.48
N LEU A 57 8.63 3.75 -15.56
CA LEU A 57 7.66 3.32 -14.56
C LEU A 57 8.33 3.21 -13.19
N GLU A 58 9.53 2.63 -13.13
CA GLU A 58 10.20 2.59 -11.85
C GLU A 58 10.58 3.98 -11.36
N GLU A 59 11.03 4.86 -12.28
CA GLU A 59 11.36 6.22 -11.87
C GLU A 59 10.14 6.93 -11.30
N LEU A 60 8.98 6.74 -11.94
CA LEU A 60 7.76 7.38 -11.48
C LEU A 60 7.42 6.94 -10.06
N HIS A 61 7.53 5.64 -9.77
CA HIS A 61 7.22 5.17 -8.43
C HIS A 61 8.33 5.54 -7.43
N ASP A 62 9.56 5.71 -7.89
CA ASP A 62 10.59 6.24 -7.00
C ASP A 62 10.28 7.68 -6.59
N VAL A 63 9.74 8.47 -7.52
CA VAL A 63 9.35 9.85 -7.22
C VAL A 63 8.17 9.87 -6.23
N LEU A 64 7.08 9.15 -6.56
CA LEU A 64 5.95 9.06 -5.65
C LEU A 64 6.36 8.56 -4.26
N ALA A 65 7.21 7.53 -4.21
CA ALA A 65 7.64 6.99 -2.91
C ALA A 65 8.35 8.04 -2.08
N LEU A 66 9.15 8.89 -2.71
CA LEU A 66 9.87 9.94 -1.98
C LEU A 66 8.90 11.00 -1.45
N ILE A 67 7.91 11.37 -2.26
CA ILE A 67 6.90 12.32 -1.82
C ILE A 67 6.07 11.76 -0.66
N TYR A 68 5.63 10.50 -0.74
CA TYR A 68 4.86 9.91 0.34
C TYR A 68 5.69 9.74 1.61
N GLN A 69 6.99 9.49 1.45
CA GLN A 69 7.89 9.56 2.59
C GLN A 69 7.72 10.87 3.35
N GLN A 70 7.57 11.99 2.63
CA GLN A 70 7.36 13.28 3.27
C GLN A 70 6.01 13.36 3.96
N ASP A 71 4.99 12.72 3.39
CA ASP A 71 3.66 12.73 4.00
C ASP A 71 3.60 11.86 5.25
N PHE A 72 4.34 10.76 5.27
CA PHE A 72 4.18 9.75 6.32
C PHE A 72 5.26 9.82 7.38
N SER A 73 6.39 10.47 7.13
CA SER A 73 7.50 10.44 8.07
C SER A 73 7.52 11.69 8.93
N GLY A 74 8.05 11.53 10.15
CA GLY A 74 8.34 12.67 10.99
C GLY A 74 9.31 13.61 10.30
N ALA A 75 8.96 14.89 10.23
CA ALA A 75 9.79 15.85 9.50
C ALA A 75 11.09 16.09 10.26
N PRO A 76 12.22 16.20 9.56
CA PRO A 76 13.47 16.58 10.21
C PRO A 76 13.49 18.07 10.54
N VAL A 77 14.25 18.40 11.60
CA VAL A 77 14.30 19.77 12.10
C VAL A 77 14.70 20.74 11.01
N GLU A 78 15.66 20.35 10.17
CA GLU A 78 16.16 21.28 9.16
C GLU A 78 15.13 21.58 8.09
N LEU A 79 14.03 20.85 8.04
CA LEU A 79 13.05 21.05 6.98
C LEU A 79 11.75 21.65 7.48
N LEU A 80 11.69 22.05 8.77
CA LEU A 80 10.40 22.45 9.33
C LEU A 80 9.87 23.74 8.70
N GLY A 81 10.76 24.59 8.17
CA GLY A 81 10.36 25.85 7.58
C GLY A 81 10.08 25.84 6.08
N CYS A 82 10.14 24.67 5.44
CA CYS A 82 10.07 24.58 3.99
C CYS A 82 8.66 24.22 3.56
N GLU A 83 8.01 25.12 2.81
CA GLU A 83 6.67 24.92 2.28
C GLU A 83 6.73 24.07 1.01
N THR A 84 6.57 22.76 1.16
CA THR A 84 6.71 21.80 0.06
C THR A 84 5.39 21.43 -0.60
N GLN A 85 4.25 21.84 -0.05
CA GLN A 85 2.99 21.34 -0.57
C GLN A 85 2.63 21.84 -1.98
N PRO A 86 2.78 23.12 -2.32
CA PRO A 86 2.39 23.53 -3.68
C PRO A 86 3.04 22.71 -4.80
N VAL A 87 4.32 22.41 -4.67
CA VAL A 87 5.02 21.67 -5.71
C VAL A 87 4.82 20.17 -5.54
N LEU A 88 5.06 19.64 -4.33
CA LEU A 88 4.97 18.19 -4.16
C LEU A 88 3.54 17.67 -4.40
N ARG A 89 2.52 18.45 -4.02
CA ARG A 89 1.14 18.00 -4.25
C ARG A 89 0.76 18.04 -5.74
N ASP A 90 1.32 18.99 -6.51
CA ASP A 90 1.11 19.00 -7.95
C ASP A 90 1.77 17.79 -8.61
N ILE A 91 3.03 17.49 -8.23
CA ILE A 91 3.69 16.29 -8.74
C ILE A 91 2.88 15.05 -8.42
N ALA A 92 2.48 14.89 -7.15
CA ALA A 92 1.76 13.69 -6.76
C ALA A 92 0.44 13.56 -7.50
N ALA A 93 -0.27 14.68 -7.66
CA ALA A 93 -1.56 14.62 -8.36
C ALA A 93 -1.39 14.10 -9.77
N ILE A 94 -0.35 14.58 -10.47
CA ILE A 94 -0.13 14.18 -11.87
C ILE A 94 0.29 12.71 -11.93
N LEU A 95 1.29 12.33 -11.15
CA LEU A 95 1.73 10.94 -11.20
C LEU A 95 0.66 9.98 -10.69
N GLU A 96 -0.07 10.36 -9.62
CA GLU A 96 -1.16 9.53 -9.09
C GLU A 96 -2.27 9.34 -10.10
N GLY A 97 -2.67 10.44 -10.73
CA GLY A 97 -3.71 10.35 -11.74
C GLY A 97 -3.38 9.32 -12.80
N ALA A 98 -2.11 9.25 -13.19
CA ALA A 98 -1.69 8.30 -14.20
C ALA A 98 -1.62 6.87 -13.65
N VAL A 99 -1.13 6.71 -12.42
CA VAL A 99 -1.12 5.39 -11.78
C VAL A 99 -2.54 4.83 -11.70
N LEU A 100 -3.48 5.66 -11.23
CA LEU A 100 -4.84 5.16 -11.01
C LEU A 100 -5.58 4.94 -12.33
N ALA A 101 -5.38 5.81 -13.33
CA ALA A 101 -5.97 5.53 -14.64
C ALA A 101 -5.51 4.17 -15.18
N ALA A 102 -4.26 3.82 -14.93
CA ALA A 102 -3.77 2.54 -15.43
C ALA A 102 -4.39 1.38 -14.67
N GLU A 103 -4.58 1.53 -13.35
CA GLU A 103 -5.29 0.51 -12.58
C GLU A 103 -6.72 0.35 -13.10
N LEU A 104 -7.39 1.48 -13.38
CA LEU A 104 -8.79 1.40 -13.79
C LEU A 104 -8.92 0.79 -15.19
N ASP A 105 -7.88 0.92 -16.03
CA ASP A 105 -7.89 0.23 -17.33
C ASP A 105 -8.03 -1.29 -17.19
N SER A 106 -7.64 -1.86 -16.06
CA SER A 106 -7.78 -3.29 -15.83
C SER A 106 -9.09 -3.67 -15.17
N ILE A 107 -9.97 -2.72 -14.93
CA ILE A 107 -11.21 -2.98 -14.20
C ILE A 107 -12.38 -2.69 -15.14
N SER A 108 -13.20 -3.69 -15.38
CA SER A 108 -14.35 -3.52 -16.27
C SER A 108 -15.56 -3.00 -15.49
N GLU A 109 -16.47 -2.36 -16.22
CA GLU A 109 -17.65 -1.81 -15.57
C GLU A 109 -18.55 -2.91 -15.01
N GLU A 110 -18.62 -4.06 -15.69
CA GLU A 110 -19.43 -5.16 -15.17
C GLU A 110 -18.91 -5.65 -13.84
N GLN A 111 -17.59 -5.54 -13.60
CA GLN A 111 -17.01 -6.01 -12.34
C GLN A 111 -17.46 -5.17 -11.15
N ILE A 112 -17.86 -3.91 -11.35
CA ILE A 112 -18.05 -3.01 -10.23
C ILE A 112 -19.48 -2.47 -10.18
N SER A 113 -20.43 -3.12 -10.86
CA SER A 113 -21.77 -2.56 -10.95
C SER A 113 -22.90 -3.52 -10.58
N ALA A 114 -22.71 -4.84 -10.65
CA ALA A 114 -23.81 -5.76 -10.35
C ALA A 114 -23.81 -6.20 -8.89
N TYR A 115 -23.36 -5.33 -7.98
CA TYR A 115 -23.40 -5.70 -6.59
C TYR A 115 -24.79 -5.48 -6.02
N PRO A 116 -25.15 -6.22 -4.97
CA PRO A 116 -26.39 -5.94 -4.25
C PRO A 116 -26.28 -4.65 -3.46
N ARG A 117 -27.36 -3.87 -3.47
CA ARG A 117 -27.30 -2.52 -2.93
C ARG A 117 -27.71 -2.47 -1.48
N SER A 118 -27.26 -3.45 -0.70
CA SER A 118 -27.45 -3.46 0.74
C SER A 118 -26.21 -4.09 1.37
N GLY A 119 -25.92 -3.67 2.61
CA GLY A 119 -24.65 -3.95 3.25
C GLY A 119 -24.32 -5.42 3.49
N LYS A 120 -25.21 -6.14 4.17
CA LYS A 120 -24.94 -7.55 4.46
C LYS A 120 -24.80 -8.36 3.17
N GLU A 121 -25.64 -8.05 2.17
CA GLU A 121 -25.56 -8.77 0.91
C GLU A 121 -24.30 -8.39 0.16
N TYR A 122 -23.95 -7.11 0.21
CA TYR A 122 -22.73 -6.65 -0.46
C TYR A 122 -21.50 -7.38 0.09
N VAL A 123 -21.44 -7.61 1.39
CA VAL A 123 -20.30 -8.32 1.96
C VAL A 123 -20.15 -9.73 1.34
N HIS A 124 -21.26 -10.47 1.19
CA HIS A 124 -21.17 -11.79 0.57
C HIS A 124 -20.70 -11.71 -0.87
N TRP A 125 -21.23 -10.73 -1.61
CA TRP A 125 -20.83 -10.52 -2.99
C TRP A 125 -19.34 -10.24 -3.09
N LEU A 126 -18.83 -9.33 -2.25
CA LEU A 126 -17.42 -8.96 -2.34
C LEU A 126 -16.51 -10.13 -1.99
N LYS A 127 -16.87 -10.91 -0.97
CA LYS A 127 -16.06 -12.08 -0.65
C LYS A 127 -16.01 -13.05 -1.81
N ARG A 128 -17.12 -13.17 -2.55
CA ARG A 128 -17.12 -14.03 -3.73
C ARG A 128 -16.23 -13.44 -4.81
N VAL A 129 -16.36 -12.13 -5.06
CA VAL A 129 -15.52 -11.45 -6.03
C VAL A 129 -14.04 -11.62 -5.68
N ILE A 130 -13.70 -11.43 -4.40
CA ILE A 130 -12.31 -11.63 -3.97
C ILE A 130 -11.87 -13.07 -4.27
N GLY A 131 -12.74 -14.03 -3.95
CA GLY A 131 -12.38 -15.43 -4.10
C GLY A 131 -12.17 -15.85 -5.54
N GLU A 132 -12.78 -15.14 -6.49
CA GLU A 132 -12.53 -15.38 -7.91
C GLU A 132 -11.16 -14.92 -8.36
N HIS A 133 -10.57 -14.00 -7.65
CA HIS A 133 -9.36 -13.38 -8.17
C HIS A 133 -8.14 -14.25 -7.83
N PRO A 134 -7.20 -14.44 -8.75
CA PRO A 134 -6.04 -15.32 -8.45
C PRO A 134 -5.19 -14.84 -7.30
N ALA A 135 -5.18 -13.54 -6.99
CA ALA A 135 -4.39 -13.10 -5.84
C ALA A 135 -4.92 -13.66 -4.54
N ALA A 136 -6.20 -14.05 -4.49
CA ALA A 136 -6.73 -14.62 -3.25
C ALA A 136 -6.15 -16.00 -2.94
N GLY A 137 -5.56 -16.68 -3.91
CA GLY A 137 -4.84 -17.91 -3.60
C GLY A 137 -3.54 -18.04 -4.36
N HIS A 138 -2.67 -17.05 -4.21
CA HIS A 138 -1.53 -16.94 -5.13
C HIS A 138 -0.50 -18.04 -4.86
N PRO A 139 0.06 -18.64 -5.91
CA PRO A 139 1.08 -19.69 -5.75
C PRO A 139 2.30 -19.29 -4.94
N PHE A 140 2.66 -18.01 -4.84
CA PHE A 140 3.78 -17.67 -3.96
C PHE A 140 3.52 -18.19 -2.55
N TYR A 141 2.33 -17.94 -2.04
CA TYR A 141 2.00 -18.40 -0.70
C TYR A 141 1.57 -19.87 -0.70
N ARG A 142 0.73 -20.27 -1.66
CA ARG A 142 0.14 -21.61 -1.65
C ARG A 142 1.16 -22.69 -2.00
N ASP A 143 2.14 -22.38 -2.83
CA ASP A 143 2.99 -23.37 -3.48
C ASP A 143 4.45 -23.17 -3.12
N PHE A 144 5.00 -21.99 -3.39
CA PHE A 144 6.44 -21.78 -3.24
C PHE A 144 6.83 -21.77 -1.77
N VAL A 145 6.16 -20.96 -0.96
CA VAL A 145 6.49 -20.85 0.47
C VAL A 145 6.47 -22.21 1.15
N PRO A 146 5.40 -23.00 1.11
CA PRO A 146 5.37 -24.24 1.92
C PRO A 146 6.41 -25.28 1.49
N THR A 147 6.87 -25.26 0.25
CA THR A 147 7.69 -26.32 -0.28
C THR A 147 9.14 -25.94 -0.58
N ARG A 148 9.43 -24.66 -0.82
CA ARG A 148 10.75 -24.27 -1.33
C ARG A 148 11.43 -23.12 -0.61
N ALA A 149 10.70 -22.28 0.13
CA ALA A 149 11.28 -21.01 0.55
C ALA A 149 12.40 -21.23 1.54
N THR A 150 13.55 -20.62 1.26
CA THR A 150 14.73 -20.61 2.12
C THR A 150 14.76 -19.32 2.93
N GLU A 151 15.75 -19.23 3.82
CA GLU A 151 15.97 -18.00 4.58
C GLU A 151 16.25 -16.83 3.64
N GLY A 152 17.06 -17.03 2.61
CA GLY A 152 17.29 -15.96 1.65
C GLY A 152 16.04 -15.57 0.88
N ASP A 153 15.16 -16.53 0.59
CA ASP A 153 13.89 -16.19 -0.06
C ASP A 153 13.05 -15.29 0.84
N PHE A 154 12.96 -15.66 2.12
CA PHE A 154 12.20 -14.89 3.09
C PHE A 154 12.81 -13.53 3.31
N ARG A 155 14.14 -13.44 3.30
CA ARG A 155 14.77 -12.13 3.43
C ARG A 155 14.37 -11.23 2.26
N PHE A 156 14.34 -11.79 1.04
CA PHE A 156 13.98 -11.00 -0.12
C PHE A 156 12.52 -10.60 -0.06
N TYR A 157 11.67 -11.53 0.36
CA TYR A 157 10.24 -11.28 0.49
C TYR A 157 9.97 -10.17 1.51
N LEU A 158 10.62 -10.24 2.68
CA LEU A 158 10.37 -9.24 3.71
C LEU A 158 10.82 -7.87 3.26
N ALA A 159 11.85 -7.79 2.42
CA ALA A 159 12.23 -6.51 1.86
C ALA A 159 11.10 -5.93 1.03
N GLN A 160 10.42 -6.78 0.26
CA GLN A 160 9.28 -6.28 -0.51
C GLN A 160 8.16 -5.82 0.41
N GLU A 161 7.94 -6.55 1.50
CA GLU A 161 6.84 -6.25 2.42
C GLU A 161 7.04 -4.96 3.19
N THR A 162 8.25 -4.39 3.22
CA THR A 162 8.44 -3.04 3.77
C THR A 162 7.64 -1.99 3.01
N ASN A 163 7.13 -2.32 1.82
CA ASN A 163 6.27 -1.40 1.08
C ASN A 163 4.99 -1.00 1.84
N LEU A 164 4.52 -1.78 2.81
CA LEU A 164 3.19 -1.53 3.35
C LEU A 164 3.14 -1.70 4.88
N ASP A 165 3.49 -2.90 5.35
CA ASP A 165 3.43 -3.22 6.79
C ASP A 165 4.03 -2.16 7.72
N PRO A 166 5.18 -1.54 7.44
CA PRO A 166 5.75 -0.59 8.42
C PRO A 166 4.94 0.70 8.62
N LYS A 167 3.92 0.97 7.79
CA LYS A 167 3.15 2.19 7.94
C LYS A 167 1.66 1.92 8.09
N PHE A 168 1.29 0.69 8.43
CA PHE A 168 -0.13 0.35 8.42
C PHE A 168 -0.92 1.14 9.46
N ASP A 169 -0.31 1.47 10.60
CA ASP A 169 -1.04 2.25 11.60
C ASP A 169 -1.37 3.65 11.08
N ASP A 170 -0.45 4.27 10.34
CA ASP A 170 -0.74 5.60 9.82
C ASP A 170 -1.68 5.57 8.62
N ILE A 171 -1.64 4.50 7.82
CA ILE A 171 -2.67 4.31 6.80
C ILE A 171 -4.06 4.36 7.44
N LEU A 172 -4.24 3.65 8.56
CA LEU A 172 -5.54 3.63 9.22
C LEU A 172 -5.88 4.98 9.80
N ALA A 173 -4.90 5.66 10.39
CA ALA A 173 -5.16 6.98 10.97
C ALA A 173 -5.61 7.98 9.90
N PHE A 174 -4.95 7.96 8.73
CA PHE A 174 -5.38 8.80 7.61
C PHE A 174 -6.79 8.43 7.17
N MET A 175 -7.03 7.13 7.00
CA MET A 175 -8.30 6.64 6.47
C MET A 175 -9.49 7.11 7.30
N GLN A 176 -9.39 7.01 8.63
CA GLN A 176 -10.57 7.27 9.44
C GLN A 176 -10.90 8.76 9.56
N ILE A 177 -10.08 9.66 8.99
CA ILE A 177 -10.36 11.09 9.07
C ILE A 177 -11.71 11.39 8.45
N GLY A 178 -12.63 11.96 9.24
CA GLY A 178 -13.93 12.32 8.72
C GLY A 178 -14.92 11.17 8.55
N ALA A 179 -14.58 9.94 8.94
CA ALA A 179 -15.44 8.80 8.66
C ALA A 179 -16.70 8.83 9.54
N ALA A 180 -17.78 8.24 9.01
CA ALA A 180 -19.03 8.13 9.74
C ALA A 180 -18.83 7.25 10.98
N PRO A 181 -19.72 7.37 12.00
CA PRO A 181 -19.39 6.82 13.33
C PRO A 181 -19.07 5.33 13.38
N ASP A 182 -19.95 4.47 12.84
CA ASP A 182 -19.71 3.02 12.92
C ASP A 182 -18.39 2.65 12.24
N GLU A 183 -18.15 3.21 11.06
CA GLU A 183 -16.92 2.95 10.33
C GLU A 183 -15.72 3.49 11.10
N LYS A 184 -15.86 4.71 11.62
CA LYS A 184 -14.74 5.31 12.35
C LYS A 184 -14.40 4.51 13.60
N MET A 185 -15.43 3.97 14.27
CA MET A 185 -15.14 3.29 15.53
C MET A 185 -14.43 1.96 15.25
N GLU A 186 -14.82 1.28 14.15
CA GLU A 186 -14.11 0.05 13.78
C GLU A 186 -12.67 0.35 13.37
N ILE A 187 -12.46 1.36 12.52
CA ILE A 187 -11.09 1.69 12.13
C ILE A 187 -10.28 2.10 13.34
N ALA A 188 -10.89 2.87 14.25
CA ALA A 188 -10.17 3.30 15.45
C ALA A 188 -9.73 2.10 16.29
N GLY A 189 -10.61 1.12 16.47
CA GLY A 189 -10.23 -0.05 17.25
C GLY A 189 -9.13 -0.87 16.59
N ASN A 190 -9.16 -0.93 15.27
CA ASN A 190 -8.10 -1.56 14.51
C ASN A 190 -6.77 -0.83 14.72
N TYR A 191 -6.79 0.50 14.56
CA TYR A 191 -5.60 1.30 14.85
C TYR A 191 -5.08 1.05 16.26
N TRP A 192 -5.97 1.02 17.27
CA TRP A 192 -5.51 0.81 18.64
C TRP A 192 -4.85 -0.57 18.80
N ASP A 193 -5.42 -1.60 18.15
CA ASP A 193 -4.72 -2.90 18.08
C ASP A 193 -3.33 -2.74 17.46
N GLU A 194 -3.22 -2.01 16.33
CA GLU A 194 -1.92 -1.78 15.72
C GLU A 194 -0.94 -1.13 16.70
N MET A 195 -1.44 -0.32 17.62
CA MET A 195 -0.53 0.25 18.59
C MET A 195 -0.49 -0.55 19.87
N GLY A 196 -0.61 -1.87 19.73
CA GLY A 196 -0.44 -2.80 20.83
C GLY A 196 -1.42 -2.64 21.96
N ASN A 197 -2.55 -1.99 21.69
CA ASN A 197 -3.53 -1.65 22.73
C ASN A 197 -2.85 -0.95 23.91
N GLY A 198 -1.84 -0.14 23.61
CA GLY A 198 -1.16 0.64 24.62
C GLY A 198 0.11 0.00 25.16
N LYS A 199 0.48 -1.18 24.69
CA LYS A 199 1.69 -1.85 25.15
C LYS A 199 2.75 -1.78 24.06
N PRO A 200 3.86 -1.06 24.30
CA PRO A 200 4.89 -0.89 23.26
C PRO A 200 5.39 -2.18 22.66
N ALA A 201 5.52 -3.24 23.45
CA ALA A 201 6.04 -4.51 22.94
C ALA A 201 5.12 -5.10 21.89
N GLU A 202 3.84 -4.76 21.95
CA GLU A 202 2.84 -5.34 21.07
C GLU A 202 2.51 -4.45 19.87
N VAL A 203 3.20 -3.32 19.71
CA VAL A 203 2.96 -2.43 18.56
C VAL A 203 3.36 -3.17 17.28
N HIS A 204 2.47 -3.18 16.28
CA HIS A 204 2.67 -4.06 15.14
C HIS A 204 3.93 -3.69 14.35
N THR A 205 4.15 -2.39 14.11
CA THR A 205 5.36 -2.01 13.39
C THR A 205 6.62 -2.41 14.14
N ALA A 206 6.58 -2.38 15.48
CA ALA A 206 7.73 -2.82 16.25
C ALA A 206 7.97 -4.31 16.05
N MET A 207 6.92 -5.12 16.07
CA MET A 207 7.15 -6.54 15.87
C MET A 207 7.54 -6.86 14.44
N PHE A 208 7.06 -6.10 13.46
CA PHE A 208 7.52 -6.32 12.10
C PHE A 208 9.00 -5.99 11.96
N ALA A 209 9.44 -4.90 12.60
CA ALA A 209 10.87 -4.58 12.61
C ALA A 209 11.71 -5.73 13.15
N HIS A 210 11.19 -6.50 14.11
CA HIS A 210 11.93 -7.65 14.62
C HIS A 210 12.09 -8.74 13.57
N ALA A 211 11.08 -8.96 12.73
CA ALA A 211 11.22 -9.89 11.62
C ALA A 211 12.33 -9.46 10.68
N LEU A 212 12.38 -8.16 10.37
CA LEU A 212 13.44 -7.64 9.51
C LEU A 212 14.82 -7.86 10.13
N ASP A 213 14.96 -7.53 11.42
CA ASP A 213 16.21 -7.78 12.14
C ASP A 213 16.62 -9.24 12.07
N ALA A 214 15.66 -10.17 12.23
CA ALA A 214 15.99 -11.59 12.29
C ALA A 214 16.64 -12.10 11.01
N LEU A 215 16.34 -11.50 9.86
CA LEU A 215 16.95 -11.95 8.62
C LEU A 215 17.88 -10.89 8.04
N ASP A 216 18.25 -9.87 8.82
CA ASP A 216 19.15 -8.82 8.38
C ASP A 216 18.62 -8.14 7.12
N VAL A 217 17.33 -7.82 7.14
CA VAL A 217 16.73 -7.02 6.08
C VAL A 217 17.05 -5.55 6.37
N ASN A 218 18.29 -5.14 6.12
CA ASN A 218 18.73 -3.79 6.41
C ASN A 218 18.38 -2.83 5.27
N ASP A 219 18.50 -1.53 5.56
CA ASP A 219 18.04 -0.51 4.62
C ASP A 219 18.77 -0.58 3.28
N ASP A 220 20.03 -1.01 3.26
CA ASP A 220 20.73 -1.09 1.99
C ASP A 220 20.23 -2.26 1.17
N TYR A 221 20.03 -3.42 1.82
CA TYR A 221 19.43 -4.56 1.15
C TYR A 221 18.06 -4.23 0.57
N ILE A 222 17.23 -3.50 1.33
CA ILE A 222 15.91 -3.11 0.84
C ILE A 222 16.03 -2.22 -0.37
N ARG A 223 16.89 -1.20 -0.30
CA ARG A 223 17.03 -0.25 -1.40
C ARG A 223 17.47 -0.97 -2.67
N ARG A 224 18.41 -1.90 -2.56
CA ARG A 224 18.92 -2.60 -3.72
C ARG A 224 17.95 -3.66 -4.25
N ASN A 225 17.06 -4.19 -3.42
CA ASN A 225 16.22 -5.31 -3.82
C ASN A 225 14.74 -5.01 -3.98
N LEU A 226 14.28 -3.84 -3.61
CA LEU A 226 12.86 -3.53 -3.71
C LEU A 226 12.40 -3.57 -5.17
N LEU A 227 11.44 -4.44 -5.46
CA LEU A 227 10.97 -4.62 -6.83
C LEU A 227 10.09 -3.44 -7.25
N PRO A 228 10.08 -3.10 -8.54
CA PRO A 228 9.19 -2.01 -8.98
C PRO A 228 7.72 -2.25 -8.65
N GLU A 229 7.25 -3.49 -8.70
CA GLU A 229 5.83 -3.71 -8.39
C GLU A 229 5.57 -3.61 -6.90
N ALA A 230 6.57 -3.91 -6.07
CA ALA A 230 6.45 -3.68 -4.64
C ALA A 230 6.35 -2.20 -4.36
N LYS A 231 7.15 -1.38 -5.04
CA LYS A 231 6.99 0.07 -4.85
C LYS A 231 5.62 0.55 -5.29
N ALA A 232 5.13 0.05 -6.43
CA ALA A 232 3.80 0.42 -6.89
C ALA A 232 2.75 0.04 -5.87
N SER A 233 2.87 -1.16 -5.27
N SER A 233 2.90 -1.12 -5.22
CA SER A 233 1.90 -1.55 -4.25
CA SER A 233 1.90 -1.55 -4.27
C SER A 233 1.90 -0.56 -3.09
C SER A 233 1.90 -0.67 -3.02
N GLY A 234 3.08 -0.24 -2.57
CA GLY A 234 3.13 0.68 -1.44
C GLY A 234 2.62 2.07 -1.79
N ASN A 235 2.90 2.52 -3.03
CA ASN A 235 2.43 3.84 -3.45
C ASN A 235 0.92 3.86 -3.59
N LEU A 236 0.32 2.77 -4.08
CA LEU A 236 -1.13 2.72 -4.17
C LEU A 236 -1.77 2.84 -2.80
N ALA A 237 -1.22 2.10 -1.82
CA ALA A 237 -1.70 2.18 -0.46
C ALA A 237 -1.62 3.61 0.07
N SER A 238 -0.47 4.27 -0.16
CA SER A 238 -0.31 5.64 0.32
C SER A 238 -1.28 6.57 -0.38
N CYS A 239 -1.36 6.45 -1.72
CA CYS A 239 -2.22 7.31 -2.52
C CYS A 239 -3.66 7.29 -2.02
N LEU A 240 -4.19 6.10 -1.78
CA LEU A 240 -5.60 5.95 -1.42
C LEU A 240 -5.87 6.42 0.01
N ALA A 241 -4.93 6.17 0.93
CA ALA A 241 -5.18 6.49 2.34
C ALA A 241 -5.20 8.00 2.59
N ILE A 242 -4.36 8.77 1.89
CA ILE A 242 -4.16 10.18 2.25
C ILE A 242 -5.15 11.17 1.66
N SER A 243 -6.00 10.75 0.71
CA SER A 243 -7.00 11.65 0.16
C SER A 243 -8.39 11.23 0.65
N ARG A 244 -9.15 12.20 1.19
CA ARG A 244 -10.51 11.92 1.61
C ARG A 244 -11.34 11.34 0.47
N ARG A 245 -11.12 11.82 -0.76
CA ARG A 245 -11.95 11.37 -1.86
C ARG A 245 -11.65 9.91 -2.24
N HIS A 246 -10.52 9.37 -1.82
CA HIS A 246 -10.24 7.96 -2.04
C HIS A 246 -10.67 7.08 -0.87
N TYR A 247 -11.40 7.62 0.11
CA TYR A 247 -11.81 6.83 1.27
C TYR A 247 -12.49 5.51 0.88
N TYR A 248 -13.48 5.56 -0.01
CA TYR A 248 -14.22 4.33 -0.29
C TYR A 248 -13.38 3.33 -1.08
N LYS A 249 -12.49 3.79 -1.96
CA LYS A 249 -11.50 2.86 -2.51
C LYS A 249 -10.65 2.25 -1.42
N SER A 250 -10.19 3.06 -0.45
CA SER A 250 -9.39 2.55 0.65
C SER A 250 -10.13 1.49 1.44
N VAL A 251 -11.43 1.70 1.63
CA VAL A 251 -12.25 0.70 2.34
C VAL A 251 -12.15 -0.66 1.65
N GLY A 252 -12.25 -0.68 0.32
CA GLY A 252 -12.08 -1.94 -0.40
C GLY A 252 -10.64 -2.44 -0.40
N PHE A 253 -9.68 -1.53 -0.58
CA PHE A 253 -8.28 -1.93 -0.70
C PHE A 253 -7.80 -2.55 0.60
N PHE A 254 -8.04 -1.89 1.72
CA PHE A 254 -7.54 -2.40 2.98
C PHE A 254 -8.47 -3.47 3.56
N GLY A 255 -9.74 -3.50 3.14
CA GLY A 255 -10.58 -4.64 3.51
C GLY A 255 -10.08 -5.94 2.90
N VAL A 256 -9.70 -5.91 1.62
CA VAL A 256 -9.10 -7.10 0.99
C VAL A 256 -7.83 -7.49 1.72
N THR A 257 -7.00 -6.48 2.06
CA THR A 257 -5.74 -6.73 2.74
C THR A 257 -5.95 -7.50 4.04
N GLU A 258 -6.84 -7.02 4.91
CA GLU A 258 -7.09 -7.72 6.18
C GLU A 258 -7.62 -9.12 5.92
N TYR A 259 -8.51 -9.26 4.96
CA TYR A 259 -9.16 -10.53 4.67
C TYR A 259 -8.15 -11.60 4.27
N LEU A 260 -7.13 -11.24 3.50
CA LEU A 260 -6.23 -12.25 2.96
C LEU A 260 -5.07 -12.57 3.90
N VAL A 261 -4.82 -11.75 4.91
CA VAL A 261 -3.63 -11.96 5.75
C VAL A 261 -3.61 -13.34 6.41
N PRO A 262 -4.70 -13.81 7.05
CA PRO A 262 -4.58 -15.07 7.81
C PRO A 262 -4.14 -16.26 6.97
N ARG A 263 -4.73 -16.47 5.80
CA ARG A 263 -4.30 -17.58 4.95
C ARG A 263 -2.85 -17.42 4.51
N ARG A 264 -2.43 -16.20 4.14
CA ARG A 264 -1.06 -15.99 3.67
C ARG A 264 -0.06 -16.19 4.80
N PHE A 265 -0.33 -15.60 5.97
CA PHE A 265 0.64 -15.65 7.05
C PHE A 265 0.75 -17.04 7.66
N LYS A 266 -0.35 -17.80 7.69
CA LYS A 266 -0.25 -19.15 8.22
C LYS A 266 0.76 -19.96 7.41
N LEU A 267 0.74 -19.79 6.08
CA LEU A 267 1.71 -20.48 5.23
C LEU A 267 3.13 -20.01 5.55
N VAL A 268 3.32 -18.70 5.73
CA VAL A 268 4.66 -18.18 6.01
C VAL A 268 5.16 -18.70 7.35
N VAL A 269 4.30 -18.66 8.37
CA VAL A 269 4.70 -19.05 9.72
C VAL A 269 5.06 -20.53 9.76
N ASP A 270 4.26 -21.37 9.09
CA ASP A 270 4.54 -22.80 9.13
C ASP A 270 5.86 -23.14 8.47
N ARG A 271 6.15 -22.53 7.32
CA ARG A 271 7.44 -22.76 6.67
C ARG A 271 8.59 -22.22 7.51
N TRP A 272 8.42 -21.02 8.07
CA TRP A 272 9.47 -20.43 8.89
C TRP A 272 9.88 -21.35 10.03
N ALA A 273 8.91 -22.02 10.63
CA ALA A 273 9.19 -23.03 11.66
C ALA A 273 9.92 -24.24 11.08
N ASP A 274 9.41 -24.80 9.98
CA ASP A 274 10.01 -26.00 9.37
C ASP A 274 11.49 -25.84 9.08
N ILE A 275 11.90 -24.66 8.61
CA ILE A 275 13.30 -24.45 8.27
C ILE A 275 14.08 -23.87 9.45
N GLY A 276 13.46 -23.84 10.64
CA GLY A 276 14.17 -23.54 11.87
C GLY A 276 14.58 -22.10 12.08
N LEU A 277 13.92 -21.15 11.44
CA LEU A 277 14.30 -19.75 11.56
C LEU A 277 13.95 -19.24 12.97
N PRO A 278 14.49 -18.10 13.39
CA PRO A 278 14.32 -17.66 14.80
C PRO A 278 12.87 -17.45 15.17
N ARG A 279 12.44 -18.15 16.24
CA ARG A 279 11.08 -18.01 16.76
C ARG A 279 10.72 -16.55 17.05
N GLU A 280 11.68 -15.77 17.58
CA GLU A 280 11.38 -14.38 17.91
C GLU A 280 11.02 -13.58 16.67
N GLY A 281 11.56 -13.97 15.52
CA GLY A 281 11.34 -13.19 14.31
C GLY A 281 9.96 -13.34 13.70
N ILE A 282 9.23 -14.40 14.05
CA ILE A 282 7.95 -14.71 13.41
C ILE A 282 6.77 -14.28 14.28
N ALA A 283 7.03 -13.60 15.40
CA ALA A 283 5.95 -13.17 16.30
C ALA A 283 4.94 -12.28 15.57
N TYR A 284 5.42 -11.34 14.74
CA TYR A 284 4.51 -10.49 13.98
C TYR A 284 3.55 -11.32 13.14
N HIS A 285 4.09 -12.19 12.28
CA HIS A 285 3.24 -12.97 11.38
C HIS A 285 2.37 -13.94 12.15
N ASP A 286 2.93 -14.58 13.17
CA ASP A 286 2.17 -15.50 14.00
C ASP A 286 0.97 -14.82 14.64
N ALA A 287 1.18 -13.64 15.22
CA ALA A 287 0.10 -12.91 15.89
C ALA A 287 -0.98 -12.50 14.90
N HIS A 288 -0.60 -12.08 13.69
CA HIS A 288 -1.57 -11.58 12.74
C HIS A 288 -2.51 -12.66 12.22
N ILE A 289 -2.18 -13.94 12.37
CA ILE A 289 -3.07 -15.00 11.90
C ILE A 289 -4.41 -14.91 12.61
N SER A 290 -4.39 -14.75 13.93
CA SER A 290 -5.65 -14.55 14.63
C SER A 290 -6.10 -13.09 14.67
N ILE A 291 -5.18 -12.13 14.74
CA ILE A 291 -5.58 -10.73 14.81
C ILE A 291 -6.38 -10.34 13.57
N ASP A 292 -5.87 -10.69 12.39
CA ASP A 292 -6.54 -10.21 11.18
C ASP A 292 -7.77 -11.03 10.79
N ALA A 293 -7.97 -12.21 11.36
CA ALA A 293 -9.28 -12.84 11.24
C ALA A 293 -10.35 -12.00 11.94
N VAL A 294 -10.00 -11.41 13.07
CA VAL A 294 -10.90 -10.51 13.78
C VAL A 294 -11.01 -9.18 13.05
N HIS A 295 -9.88 -8.65 12.58
CA HIS A 295 -9.91 -7.39 11.84
C HIS A 295 -10.73 -7.52 10.58
N ALA A 296 -10.57 -8.63 9.86
CA ALA A 296 -11.31 -8.81 8.62
C ALA A 296 -12.80 -8.92 8.89
N SER A 297 -13.18 -9.66 9.93
CA SER A 297 -14.59 -9.77 10.28
CA SER A 297 -14.59 -9.78 10.29
C SER A 297 -15.18 -8.41 10.64
N GLY A 298 -14.48 -7.64 11.48
CA GLY A 298 -14.98 -6.33 11.87
C GLY A 298 -15.02 -5.35 10.71
N TRP A 299 -14.05 -5.46 9.79
CA TRP A 299 -14.01 -4.56 8.65
C TRP A 299 -15.22 -4.75 7.74
N PHE A 300 -15.58 -5.99 7.44
CA PHE A 300 -16.75 -6.23 6.60
C PHE A 300 -18.02 -5.78 7.31
N LYS A 301 -18.16 -6.20 8.57
CA LYS A 301 -19.40 -5.97 9.32
C LYS A 301 -19.59 -4.49 9.67
N ASN A 302 -18.51 -3.78 9.99
CA ASN A 302 -18.63 -2.46 10.60
C ASN A 302 -18.11 -1.32 9.74
N VAL A 303 -17.35 -1.60 8.69
CA VAL A 303 -16.94 -0.59 7.74
C VAL A 303 -17.71 -0.73 6.44
N ILE A 304 -17.57 -1.87 5.76
CA ILE A 304 -18.11 -2.02 4.42
C ILE A 304 -19.64 -2.04 4.47
N ALA A 305 -20.24 -2.87 5.33
CA ALA A 305 -21.69 -2.99 5.29
C ALA A 305 -22.39 -1.69 5.67
N PRO A 306 -22.00 -0.97 6.73
CA PRO A 306 -22.62 0.34 7.01
C PRO A 306 -22.42 1.38 5.91
N ALA A 307 -21.24 1.45 5.29
CA ALA A 307 -21.04 2.40 4.20
C ALA A 307 -22.03 2.14 3.07
N VAL A 308 -22.18 0.87 2.66
CA VAL A 308 -23.09 0.54 1.57
C VAL A 308 -24.52 0.80 1.99
N ASP A 309 -24.86 0.48 3.25
CA ASP A 309 -26.23 0.73 3.70
C ASP A 309 -26.53 2.22 3.78
N ARG A 310 -25.52 3.05 4.10
CA ARG A 310 -25.71 4.50 4.15
C ARG A 310 -25.92 5.07 2.75
N ASP A 311 -25.14 4.60 1.77
CA ASP A 311 -25.24 5.10 0.40
C ASP A 311 -24.77 4.00 -0.54
N PRO A 312 -25.69 3.24 -1.12
CA PRO A 312 -25.25 2.09 -1.95
C PRO A 312 -24.37 2.47 -3.12
N ARG A 313 -24.32 3.76 -3.48
CA ARG A 313 -23.46 4.19 -4.58
C ARG A 313 -21.99 3.91 -4.28
N VAL A 314 -21.60 3.91 -3.01
CA VAL A 314 -20.19 3.68 -2.67
C VAL A 314 -19.77 2.24 -2.86
N GLY A 315 -20.71 1.31 -3.11
CA GLY A 315 -20.29 -0.06 -3.37
C GLY A 315 -19.42 -0.15 -4.61
N ARG A 316 -19.62 0.76 -5.57
CA ARG A 316 -18.79 0.77 -6.76
C ARG A 316 -17.35 1.19 -6.44
N GLU A 317 -17.19 2.21 -5.59
CA GLU A 317 -15.85 2.64 -5.19
C GLU A 317 -15.14 1.58 -4.36
N ILE A 318 -15.85 0.98 -3.40
CA ILE A 318 -15.28 -0.09 -2.59
C ILE A 318 -14.81 -1.24 -3.50
N ALA A 319 -15.62 -1.58 -4.50
CA ALA A 319 -15.25 -2.68 -5.40
C ALA A 319 -14.02 -2.31 -6.22
N VAL A 320 -13.91 -1.06 -6.67
CA VAL A 320 -12.72 -0.64 -7.40
C VAL A 320 -11.49 -0.75 -6.52
N GLY A 321 -11.59 -0.29 -5.27
CA GLY A 321 -10.44 -0.37 -4.38
C GLY A 321 -10.03 -1.82 -4.10
N ALA A 322 -11.03 -2.71 -3.92
CA ALA A 322 -10.72 -4.13 -3.73
C ALA A 322 -9.98 -4.70 -4.94
N LEU A 323 -10.43 -4.35 -6.15
CA LEU A 323 -9.78 -4.86 -7.36
C LEU A 323 -8.40 -4.23 -7.58
N ILE A 324 -8.22 -2.97 -7.20
CA ILE A 324 -6.88 -2.38 -7.28
C ILE A 324 -5.91 -3.12 -6.38
N ARG A 325 -6.36 -3.45 -5.15
CA ARG A 325 -5.53 -4.25 -4.25
C ARG A 325 -5.24 -5.63 -4.83
N LEU A 326 -6.28 -6.32 -5.33
CA LEU A 326 -6.08 -7.65 -5.88
C LEU A 326 -5.16 -7.63 -7.11
N ASN A 327 -5.41 -6.70 -8.04
CA ASN A 327 -4.58 -6.63 -9.25
C ASN A 327 -3.13 -6.28 -8.91
N SER A 328 -2.93 -5.29 -8.04
CA SER A 328 -1.56 -4.87 -7.73
C SER A 328 -0.83 -5.92 -6.91
N SER A 329 -1.55 -6.63 -6.04
CA SER A 329 -0.95 -7.76 -5.33
C SER A 329 -0.55 -8.89 -6.29
N GLN A 330 -1.38 -9.17 -7.29
CA GLN A 330 -1.05 -10.20 -8.27
C GLN A 330 0.23 -9.86 -9.03
N ARG A 331 0.33 -8.63 -9.54
CA ARG A 331 1.52 -8.21 -10.28
C ARG A 331 2.77 -8.28 -9.41
N TYR A 332 2.65 -7.78 -8.19
CA TYR A 332 3.73 -7.86 -7.20
C TYR A 332 4.13 -9.31 -6.89
N LEU A 333 3.16 -10.17 -6.58
CA LEU A 333 3.53 -11.56 -6.26
C LEU A 333 4.02 -12.34 -7.47
N ASP A 334 3.51 -12.06 -8.67
CA ASP A 334 4.03 -12.75 -9.84
C ASP A 334 5.47 -12.33 -10.11
N SER A 335 5.75 -11.04 -9.97
CA SER A 335 7.10 -10.54 -10.14
C SER A 335 8.03 -11.11 -9.08
N LEU A 336 7.56 -11.19 -7.84
CA LEU A 336 8.35 -11.73 -6.75
C LEU A 336 8.68 -13.20 -6.98
N LEU A 337 7.66 -13.98 -7.32
CA LEU A 337 7.86 -15.40 -7.56
C LEU A 337 8.75 -15.64 -8.77
N MET A 338 8.68 -14.75 -9.76
CA MET A 338 9.53 -14.86 -10.95
C MET A 338 10.99 -14.60 -10.60
N HIS A 339 11.26 -13.57 -9.79
CA HIS A 339 12.63 -13.34 -9.32
C HIS A 339 13.14 -14.44 -8.38
N LEU A 340 12.27 -15.02 -7.56
CA LEU A 340 12.74 -16.04 -6.63
C LEU A 340 13.00 -17.38 -7.32
N HIS A 341 12.26 -17.67 -8.39
CA HIS A 341 12.58 -18.88 -9.15
CA HIS A 341 12.56 -18.86 -9.19
C HIS A 341 13.95 -18.77 -9.78
N HIS A 342 14.22 -17.66 -10.51
CA HIS A 342 15.52 -17.39 -11.12
C HIS A 342 16.55 -17.03 -10.05
FE FE B . -1.39 -5.28 11.92
FE FE C . -5.06 -5.86 10.93
CG A1BX4 D . 0.15 -6.30 5.46
CD A1BX4 D . -0.94 -6.02 6.47
CE A1BX4 D . -0.45 -5.21 7.67
CB A1BX4 D . -0.22 -7.56 4.68
CA A1BX4 D . 0.92 -8.18 3.86
C A1BX4 D . 0.27 -8.69 2.56
NZ A1BX4 D . -0.92 -5.86 8.87
N A1BX4 D . 1.96 -7.20 3.55
O05 A1BX4 D . -1.32 -4.87 9.79
O A1BX4 D . -0.51 -9.67 2.62
OXT A1BX4 D . 0.50 -8.11 1.45
C1 GOL E . 12.63 28.58 -9.11
O1 GOL E . 13.10 28.57 -10.44
C2 GOL E . 13.80 29.01 -8.21
O2 GOL E . 13.58 30.24 -7.65
C3 GOL E . 13.92 27.94 -7.13
O3 GOL E . 13.99 28.61 -5.89
C1 GOL F . 14.03 23.91 -14.74
O1 GOL F . 14.33 24.88 -15.68
C2 GOL F . 13.13 24.57 -13.70
O2 GOL F . 11.85 24.74 -14.16
C3 GOL F . 13.14 23.69 -12.47
O3 GOL F . 12.50 24.46 -11.50
C1 GOL G . -14.48 4.75 -11.73
O1 GOL G . -15.34 5.04 -12.81
C2 GOL G . -13.31 5.72 -11.85
O2 GOL G . -13.67 6.80 -12.65
C3 GOL G . -12.93 6.16 -10.40
O3 GOL G . -12.82 5.01 -9.62
#